data_2YXT
#
_entry.id   2YXT
#
_cell.length_a   90.630
_cell.length_b   115.286
_cell.length_c   172.403
_cell.angle_alpha   90.00
_cell.angle_beta   90.00
_cell.angle_gamma   90.00
#
_symmetry.space_group_name_H-M   'I 2 2 2'
#
loop_
_entity.id
_entity.type
_entity.pdbx_description
1 polymer 'Pyridoxal kinase'
2 non-polymer 'SODIUM ION'
3 non-polymer 'PHOSPHATE ION'
4 non-polymer (4S)-2-METHYL-2,4-PENTANEDIOL
5 water water
#
_entity_poly.entity_id   1
_entity_poly.type   'polypeptide(L)'
_entity_poly.pdbx_seq_one_letter_code
;MEEECRVLSIQSHVIRGYVGNRAATFPLQVLGFEIDAVNSVQFSNHTGYAHWKGQVLNSDELQELYEGLRLNNMNKYDYV
LTGYTRDKSFLAMVVDIVQELKQQNPRLVYVCDPVLGDKWDGEGSMYVPEDLLPVYKEKVVPLADIITPNQFEAELLSGR
KIHSQEEALRVMDMLHSMGPDTVVITSSDLPSPQGSNYLIVLGSQRRRNPAGSVVMERIRMDIRKVDAVFVGTGDLFAAM
LLAWTHKHPNNLKVACEKTVSTLHHVLQRTIQCAKAQAGEGVRPSPMQLELRMVQSKRDIEDPEIVVQATVL
;
_entity_poly.pdbx_strand_id   A,B
#
# COMPACT_ATOMS: atom_id res chain seq x y z
N GLU A 3 -9.50 18.82 -7.09
CA GLU A 3 -8.05 19.16 -7.15
C GLU A 3 -7.10 18.13 -6.52
N GLU A 4 -7.06 16.94 -7.10
CA GLU A 4 -6.19 15.91 -6.59
C GLU A 4 -4.75 16.00 -7.10
N CYS A 5 -3.85 15.56 -6.25
CA CYS A 5 -2.45 15.59 -6.53
C CYS A 5 -1.98 14.15 -6.77
N ARG A 6 -1.50 13.86 -7.97
CA ARG A 6 -1.13 12.50 -8.32
C ARG A 6 0.36 12.28 -8.36
N VAL A 7 0.81 11.16 -7.80
CA VAL A 7 2.24 10.85 -7.75
C VAL A 7 2.48 9.45 -8.33
N LEU A 8 3.45 9.32 -9.24
CA LEU A 8 3.76 8.01 -9.75
C LEU A 8 5.09 7.67 -9.08
N SER A 9 5.06 6.65 -8.23
CA SER A 9 6.21 6.27 -7.50
C SER A 9 6.69 4.95 -7.96
N ILE A 10 7.91 4.92 -8.52
CA ILE A 10 8.47 3.68 -9.03
C ILE A 10 9.62 3.19 -8.20
N GLN A 11 9.32 2.28 -7.29
CA GLN A 11 10.32 1.75 -6.37
C GLN A 11 9.99 0.33 -5.95
N SER A 12 10.93 -0.30 -5.25
CA SER A 12 10.71 -1.67 -4.83
C SER A 12 9.52 -1.96 -3.86
N HIS A 13 9.04 -3.19 -3.90
CA HIS A 13 8.00 -3.67 -2.99
C HIS A 13 8.52 -4.87 -2.17
N VAL A 14 8.17 -4.86 -0.87
CA VAL A 14 8.45 -6.02 -0.03
C VAL A 14 7.11 -6.40 0.64
N ILE A 15 6.96 -7.69 0.90
CA ILE A 15 5.78 -8.26 1.54
C ILE A 15 5.84 -7.86 2.99
N ARG A 16 6.91 -8.28 3.65
CA ARG A 16 7.07 -7.90 5.03
C ARG A 16 7.96 -6.65 5.17
N GLY A 17 7.54 -5.69 5.99
CA GLY A 17 8.36 -4.54 6.24
C GLY A 17 8.15 -3.33 5.43
N TYR A 18 8.99 -2.32 5.66
CA TYR A 18 8.93 -1.01 5.01
C TYR A 18 10.16 -0.37 4.36
N VAL A 19 10.19 -0.45 3.03
CA VAL A 19 11.24 0.14 2.23
C VAL A 19 10.61 0.45 0.90
N GLY A 20 11.26 1.29 0.11
CA GLY A 20 10.75 1.60 -1.21
C GLY A 20 9.32 2.06 -1.14
N ASN A 21 8.48 1.62 -2.09
CA ASN A 21 7.06 2.00 -2.16
C ASN A 21 6.26 1.73 -0.84
N ARG A 22 6.76 0.76 -0.08
CA ARG A 22 6.19 0.41 1.21
C ARG A 22 6.47 1.52 2.24
N ALA A 23 7.64 2.17 2.15
CA ALA A 23 7.94 3.27 3.03
C ALA A 23 7.28 4.52 2.49
N ALA A 24 7.17 4.65 1.18
CA ALA A 24 6.57 5.90 0.62
C ALA A 24 5.07 5.96 0.49
N THR A 25 4.41 4.85 0.20
CA THR A 25 2.96 4.92 -0.02
C THR A 25 1.98 5.28 1.11
N PHE A 26 1.97 4.50 2.20
CA PHE A 26 1.02 4.78 3.31
C PHE A 26 1.09 6.26 3.75
N PRO A 27 2.33 6.75 3.98
CA PRO A 27 2.46 8.18 4.40
C PRO A 27 1.91 9.23 3.49
N LEU A 28 2.09 9.00 2.19
CA LEU A 28 1.60 9.92 1.17
C LEU A 28 0.08 9.79 1.05
N GLN A 29 -0.47 8.59 1.27
CA GLN A 29 -1.94 8.42 1.19
C GLN A 29 -2.58 9.11 2.37
N VAL A 30 -1.93 8.97 3.53
CA VAL A 30 -2.42 9.58 4.79
C VAL A 30 -2.46 11.10 4.68
N LEU A 31 -1.57 11.65 3.85
CA LEU A 31 -1.49 13.06 3.61
C LEU A 31 -2.39 13.49 2.45
N GLY A 32 -3.17 12.58 1.86
CA GLY A 32 -4.08 13.08 0.87
C GLY A 32 -3.74 13.02 -0.59
N PHE A 33 -2.58 12.45 -0.93
CA PHE A 33 -2.11 12.29 -2.31
C PHE A 33 -2.63 11.02 -2.99
N GLU A 34 -3.07 11.18 -4.23
CA GLU A 34 -3.46 10.05 -5.04
C GLU A 34 -2.14 9.42 -5.57
N ILE A 35 -1.46 8.66 -4.74
CA ILE A 35 -0.18 8.04 -5.21
C ILE A 35 -0.39 6.62 -5.76
N ASP A 36 0.18 6.38 -6.95
CA ASP A 36 0.11 5.12 -7.69
C ASP A 36 1.52 4.51 -7.59
N ALA A 37 1.56 3.24 -7.22
CA ALA A 37 2.81 2.51 -7.00
C ALA A 37 3.15 1.53 -8.08
N VAL A 38 4.34 1.68 -8.67
CA VAL A 38 4.80 0.76 -9.70
C VAL A 38 5.88 0.02 -8.94
N ASN A 39 5.71 -1.28 -8.76
CA ASN A 39 6.64 -1.99 -7.95
C ASN A 39 7.73 -2.50 -8.81
N SER A 40 8.88 -1.84 -8.69
CA SER A 40 10.07 -2.21 -9.46
C SER A 40 10.54 -3.64 -9.19
N VAL A 41 10.22 -4.15 -8.00
CA VAL A 41 10.52 -5.54 -7.59
C VAL A 41 9.52 -5.90 -6.52
N GLN A 42 9.42 -7.20 -6.26
CA GLN A 42 8.53 -7.68 -5.22
C GLN A 42 9.31 -8.77 -4.52
N PHE A 43 9.78 -8.43 -3.33
CA PHE A 43 10.60 -9.30 -2.52
C PHE A 43 9.86 -9.61 -1.27
N SER A 44 10.32 -10.67 -0.61
CA SER A 44 9.68 -11.12 0.61
C SER A 44 9.93 -10.14 1.71
N ASN A 45 11.12 -9.54 1.66
CA ASN A 45 11.59 -8.59 2.69
C ASN A 45 12.85 -7.94 2.14
N HIS A 46 13.42 -6.92 2.84
CA HIS A 46 14.63 -6.25 2.32
C HIS A 46 15.89 -7.11 2.43
N THR A 47 16.92 -6.73 1.68
CA THR A 47 18.15 -7.51 1.63
C THR A 47 19.05 -7.48 2.83
N GLY A 48 18.63 -6.76 3.88
CA GLY A 48 19.38 -6.68 5.12
C GLY A 48 19.10 -7.86 6.05
N TYR A 49 18.18 -8.72 5.64
CA TYR A 49 17.83 -9.90 6.43
C TYR A 49 18.74 -11.07 5.97
N ALA A 50 18.81 -12.10 6.78
CA ALA A 50 19.64 -13.23 6.44
C ALA A 50 19.17 -13.86 5.13
N HIS A 51 17.88 -13.75 4.80
CA HIS A 51 17.40 -14.32 3.53
C HIS A 51 16.40 -13.43 2.81
N TRP A 52 16.33 -13.61 1.50
CA TRP A 52 15.33 -12.93 0.71
C TRP A 52 15.08 -13.67 -0.59
N LYS A 53 13.84 -13.55 -1.08
CA LYS A 53 13.41 -14.17 -2.31
C LYS A 53 12.47 -13.18 -2.97
N GLY A 54 12.40 -13.21 -4.29
CA GLY A 54 11.52 -12.27 -4.92
C GLY A 54 11.76 -12.24 -6.41
N GLN A 55 10.99 -11.40 -7.08
CA GLN A 55 11.15 -11.27 -8.50
C GLN A 55 11.35 -9.77 -8.84
N VAL A 56 11.86 -9.46 -10.03
CA VAL A 56 12.07 -8.07 -10.43
C VAL A 56 11.21 -7.72 -11.63
N LEU A 57 10.90 -6.43 -11.79
CA LEU A 57 10.18 -5.92 -12.96
C LEU A 57 11.33 -5.54 -13.95
N ASN A 58 11.23 -5.96 -15.21
CA ASN A 58 12.24 -5.62 -16.18
C ASN A 58 11.73 -4.43 -16.97
N SER A 59 12.64 -3.76 -17.68
CA SER A 59 12.31 -2.58 -18.47
C SER A 59 11.13 -2.78 -19.42
N ASP A 60 11.06 -3.95 -20.05
CA ASP A 60 9.96 -4.23 -20.93
C ASP A 60 8.60 -4.21 -20.19
N GLU A 61 8.54 -4.86 -19.03
CA GLU A 61 7.31 -4.87 -18.22
C GLU A 61 7.00 -3.49 -17.70
N LEU A 62 8.03 -2.72 -17.31
CA LEU A 62 7.77 -1.34 -16.88
C LEU A 62 7.14 -0.61 -18.06
N GLN A 63 7.71 -0.73 -19.26
CA GLN A 63 7.11 -0.04 -20.41
C GLN A 63 5.64 -0.47 -20.70
N GLU A 64 5.39 -1.78 -20.60
CA GLU A 64 4.05 -2.36 -20.81
C GLU A 64 3.02 -1.67 -19.83
N LEU A 65 3.39 -1.51 -18.54
CA LEU A 65 2.49 -0.88 -17.56
C LEU A 65 2.17 0.58 -17.93
N TYR A 66 3.21 1.31 -18.33
CA TYR A 66 3.05 2.69 -18.76
C TYR A 66 2.12 2.75 -19.93
N GLU A 67 2.29 1.83 -20.89
CA GLU A 67 1.41 1.79 -22.09
C GLU A 67 -0.07 1.69 -21.69
N GLY A 68 -0.38 0.83 -20.69
CA GLY A 68 -1.75 0.72 -20.23
C GLY A 68 -2.26 2.06 -19.75
N LEU A 69 -1.45 2.73 -18.93
CA LEU A 69 -1.78 4.06 -18.40
C LEU A 69 -1.99 5.03 -19.56
N ARG A 70 -1.02 5.06 -20.48
CA ARG A 70 -1.12 5.96 -21.64
C ARG A 70 -2.36 5.66 -22.52
N LEU A 71 -2.57 4.38 -22.87
CA LEU A 71 -3.74 4.03 -23.69
C LEU A 71 -5.04 4.51 -23.06
N ASN A 72 -5.08 4.64 -21.72
CA ASN A 72 -6.30 5.11 -21.01
C ASN A 72 -6.25 6.59 -20.72
N ASN A 73 -5.21 7.25 -21.22
CA ASN A 73 -5.07 8.67 -20.98
C ASN A 73 -4.87 8.90 -19.49
N MET A 74 -4.25 7.92 -18.85
CA MET A 74 -4.05 8.01 -17.43
C MET A 74 -2.57 8.41 -17.18
N ASN A 75 -1.92 8.95 -18.19
CA ASN A 75 -0.53 9.37 -18.02
C ASN A 75 -0.40 10.93 -17.74
N LYS A 76 -1.14 11.39 -16.74
CA LYS A 76 -1.11 12.79 -16.36
C LYS A 76 -0.85 12.86 -14.85
N TYR A 77 0.39 13.11 -14.49
CA TYR A 77 0.77 13.16 -13.09
C TYR A 77 1.34 14.53 -12.72
N ASP A 78 1.17 14.87 -11.45
CA ASP A 78 1.69 16.10 -10.83
C ASP A 78 3.19 15.92 -10.35
N TYR A 79 3.53 14.70 -9.93
CA TYR A 79 4.86 14.35 -9.45
C TYR A 79 5.20 12.94 -9.84
N VAL A 80 6.51 12.69 -9.95
CA VAL A 80 7.05 11.36 -10.19
C VAL A 80 8.07 11.20 -9.05
N LEU A 81 8.13 10.00 -8.46
CA LEU A 81 9.02 9.69 -7.36
C LEU A 81 9.81 8.40 -7.65
N THR A 82 11.13 8.48 -7.56
CA THR A 82 11.98 7.29 -7.77
C THR A 82 13.08 7.22 -6.72
N GLY A 83 13.56 5.98 -6.50
CA GLY A 83 14.59 5.74 -5.54
C GLY A 83 15.59 4.67 -5.98
N TYR A 84 15.90 3.72 -5.12
CA TYR A 84 16.84 2.70 -5.52
C TYR A 84 16.44 1.81 -6.72
N THR A 85 17.33 1.75 -7.70
CA THR A 85 17.18 0.88 -8.87
C THR A 85 18.54 0.27 -9.07
N ARG A 86 18.59 -0.99 -9.45
CA ARG A 86 19.91 -1.57 -9.67
C ARG A 86 20.15 -1.89 -11.13
N ASP A 87 19.23 -1.49 -11.99
CA ASP A 87 19.33 -1.87 -13.40
C ASP A 87 19.47 -0.70 -14.37
N LYS A 88 20.53 -0.74 -15.18
CA LYS A 88 20.78 0.32 -16.18
C LYS A 88 19.61 0.45 -17.13
N SER A 89 19.19 -0.68 -17.67
CA SER A 89 18.08 -0.69 -18.62
C SER A 89 16.76 -0.14 -18.03
N PHE A 90 16.47 -0.52 -16.78
CA PHE A 90 15.27 -0.06 -16.04
C PHE A 90 15.35 1.47 -15.80
N LEU A 91 16.48 1.94 -15.27
CA LEU A 91 16.64 3.38 -15.04
C LEU A 91 16.41 4.19 -16.34
N ALA A 92 16.96 3.66 -17.46
CA ALA A 92 16.78 4.32 -18.76
C ALA A 92 15.30 4.36 -19.16
N MET A 93 14.56 3.28 -18.92
CA MET A 93 13.13 3.33 -19.23
C MET A 93 12.43 4.37 -18.34
N VAL A 94 12.89 4.49 -17.09
CA VAL A 94 12.28 5.47 -16.17
C VAL A 94 12.38 6.88 -16.73
N VAL A 95 13.55 7.13 -17.29
CA VAL A 95 13.90 8.39 -17.91
C VAL A 95 12.98 8.70 -19.07
N ASP A 96 12.79 7.70 -19.94
CA ASP A 96 11.90 7.91 -21.10
C ASP A 96 10.48 8.25 -20.61
N ILE A 97 10.07 7.58 -19.54
CA ILE A 97 8.76 7.84 -18.99
C ILE A 97 8.60 9.20 -18.36
N VAL A 98 9.55 9.60 -17.53
CA VAL A 98 9.43 10.92 -16.90
C VAL A 98 9.46 11.92 -18.03
N GLN A 99 10.39 11.68 -18.96
CA GLN A 99 10.46 12.59 -20.12
C GLN A 99 9.09 12.77 -20.79
N GLU A 100 8.45 11.65 -21.09
CA GLU A 100 7.15 11.78 -21.67
C GLU A 100 6.08 12.38 -20.74
N LEU A 101 6.13 12.05 -19.43
CA LEU A 101 5.11 12.60 -18.51
C LEU A 101 5.27 14.10 -18.45
N LYS A 102 6.52 14.55 -18.58
CA LYS A 102 6.81 15.99 -18.59
C LYS A 102 6.27 16.65 -19.88
N GLN A 103 6.40 15.98 -21.04
CA GLN A 103 5.84 16.61 -22.26
C GLN A 103 4.33 16.72 -22.08
N GLN A 104 3.75 15.76 -21.34
CA GLN A 104 2.32 15.72 -21.10
C GLN A 104 1.89 16.75 -20.07
N ASN A 105 2.75 16.99 -19.08
CA ASN A 105 2.47 18.01 -18.04
C ASN A 105 3.77 18.70 -17.67
N PRO A 106 4.08 19.81 -18.34
CA PRO A 106 5.30 20.61 -18.12
C PRO A 106 5.52 21.00 -16.66
N ARG A 107 4.45 21.19 -15.88
CA ARG A 107 4.58 21.51 -14.46
C ARG A 107 4.98 20.28 -13.57
N LEU A 108 5.05 19.08 -14.14
CA LEU A 108 5.41 17.91 -13.34
C LEU A 108 6.74 18.05 -12.60
N VAL A 109 6.71 17.72 -11.31
CA VAL A 109 7.89 17.76 -10.44
C VAL A 109 8.42 16.33 -10.24
N TYR A 110 9.66 16.08 -10.63
CA TYR A 110 10.24 14.77 -10.47
C TYR A 110 11.12 14.79 -9.22
N VAL A 111 10.74 13.97 -8.23
CA VAL A 111 11.51 13.86 -7.01
C VAL A 111 12.35 12.62 -7.17
N CYS A 112 13.65 12.82 -7.27
CA CYS A 112 14.63 11.72 -7.46
C CYS A 112 15.59 11.55 -6.28
N ASP A 113 15.60 10.33 -5.72
CA ASP A 113 16.53 9.95 -4.67
C ASP A 113 17.57 9.15 -5.45
N PRO A 114 18.71 9.78 -5.76
CA PRO A 114 19.79 9.12 -6.53
C PRO A 114 20.60 8.14 -5.70
N VAL A 115 20.04 6.96 -5.41
CA VAL A 115 20.76 6.01 -4.58
C VAL A 115 21.91 5.36 -5.33
N LEU A 116 23.12 5.56 -4.79
CA LEU A 116 24.39 5.06 -5.36
C LEU A 116 25.24 4.36 -4.30
N GLY A 117 25.27 4.89 -3.09
CA GLY A 117 26.06 4.25 -2.06
C GLY A 117 26.27 5.10 -0.82
N ASP A 118 27.24 4.76 0.02
CA ASP A 118 27.50 5.58 1.18
C ASP A 118 28.91 5.39 1.68
N LYS A 119 29.29 6.20 2.66
CA LYS A 119 30.65 6.15 3.23
C LYS A 119 30.60 5.49 4.62
N GLY A 122 34.75 5.53 7.09
CA GLY A 122 34.90 6.92 6.48
C GLY A 122 35.07 7.02 4.96
N GLU A 123 35.08 5.88 4.27
CA GLU A 123 35.21 5.84 2.81
C GLU A 123 33.96 5.18 2.19
N GLY A 124 33.85 5.22 0.85
CA GLY A 124 32.67 4.70 0.18
C GLY A 124 32.49 3.25 -0.27
N SER A 125 31.21 2.92 -0.48
CA SER A 125 30.77 1.60 -0.95
C SER A 125 29.61 1.85 -1.91
N MET A 126 29.71 1.33 -3.12
CA MET A 126 28.64 1.55 -4.04
C MET A 126 27.54 0.54 -3.73
N TYR A 127 26.29 0.88 -4.04
CA TYR A 127 25.13 0.01 -3.81
C TYR A 127 24.57 -0.38 -5.18
N VAL A 128 25.13 0.20 -6.22
CA VAL A 128 24.63 -0.01 -7.55
C VAL A 128 25.81 -0.23 -8.50
N PRO A 129 25.55 -0.88 -9.64
CA PRO A 129 26.69 -1.05 -10.55
C PRO A 129 27.20 0.31 -11.01
N GLU A 130 28.51 0.39 -11.26
CA GLU A 130 29.14 1.62 -11.69
C GLU A 130 28.60 2.28 -12.97
N ASP A 131 27.97 1.51 -13.87
CA ASP A 131 27.43 2.09 -15.11
C ASP A 131 26.16 2.92 -14.94
N LEU A 132 25.63 2.99 -13.73
CA LEU A 132 24.43 3.79 -13.47
C LEU A 132 24.82 5.25 -13.25
N LEU A 133 26.02 5.44 -12.74
CA LEU A 133 26.50 6.80 -12.47
C LEU A 133 26.34 7.71 -13.68
N PRO A 134 26.88 7.31 -14.84
CA PRO A 134 26.78 8.13 -16.05
C PRO A 134 25.28 8.42 -16.45
N VAL A 135 24.40 7.44 -16.21
CA VAL A 135 22.98 7.62 -16.56
C VAL A 135 22.38 8.63 -15.61
N TYR A 136 22.72 8.49 -14.33
CA TYR A 136 22.23 9.44 -13.34
C TYR A 136 22.72 10.82 -13.71
N LYS A 137 24.02 10.96 -13.98
CA LYS A 137 24.61 12.27 -14.33
C LYS A 137 24.07 12.85 -15.63
N GLU A 138 24.10 12.02 -16.67
CA GLU A 138 23.67 12.48 -17.96
C GLU A 138 22.18 12.50 -18.25
N LYS A 139 21.43 11.52 -17.72
CA LYS A 139 20.01 11.49 -18.04
C LYS A 139 19.02 11.70 -16.91
N VAL A 140 19.36 11.20 -15.72
CA VAL A 140 18.44 11.33 -14.59
C VAL A 140 18.44 12.68 -13.91
N VAL A 141 19.59 13.10 -13.36
CA VAL A 141 19.63 14.39 -12.67
C VAL A 141 19.10 15.56 -13.50
N PRO A 142 19.46 15.63 -14.81
CA PRO A 142 18.96 16.73 -15.65
C PRO A 142 17.42 16.80 -15.73
N LEU A 143 16.75 15.67 -15.56
CA LEU A 143 15.28 15.65 -15.58
C LEU A 143 14.60 15.94 -14.23
N ALA A 144 15.34 15.70 -13.15
CA ALA A 144 14.85 15.88 -11.76
C ALA A 144 14.68 17.33 -11.30
N ASP A 145 13.70 17.55 -10.42
CA ASP A 145 13.42 18.87 -9.88
C ASP A 145 13.86 18.88 -8.42
N ILE A 146 13.75 17.72 -7.76
CA ILE A 146 14.15 17.60 -6.36
C ILE A 146 15.07 16.34 -6.25
N ILE A 147 16.26 16.50 -5.67
CA ILE A 147 17.11 15.35 -5.48
C ILE A 147 17.52 15.36 -4.01
N THR A 148 17.75 14.16 -3.47
CA THR A 148 18.09 13.99 -2.07
C THR A 148 19.29 13.07 -1.89
N PRO A 149 20.45 13.48 -2.42
CA PRO A 149 21.63 12.60 -2.25
C PRO A 149 22.25 12.75 -0.86
N ASN A 150 23.03 11.74 -0.46
CA ASN A 150 23.74 11.87 0.75
C ASN A 150 25.07 12.51 0.27
N GLN A 151 25.98 12.83 1.20
CA GLN A 151 27.29 13.42 0.85
C GLN A 151 28.03 12.61 -0.25
N PHE A 152 28.21 11.32 -0.01
CA PHE A 152 28.84 10.45 -0.93
C PHE A 152 28.25 10.54 -2.38
N GLU A 153 26.93 10.50 -2.49
CA GLU A 153 26.30 10.57 -3.80
C GLU A 153 26.42 11.99 -4.38
N ALA A 154 26.39 13.01 -3.52
CA ALA A 154 26.54 14.38 -4.00
C ALA A 154 27.93 14.53 -4.66
N GLU A 155 28.93 13.89 -4.03
CA GLU A 155 30.30 13.89 -4.52
C GLU A 155 30.40 13.15 -5.86
N LEU A 156 29.89 11.93 -5.89
CA LEU A 156 29.89 11.13 -7.10
C LEU A 156 29.25 11.83 -8.29
N LEU A 157 28.11 12.44 -8.05
CA LEU A 157 27.38 13.09 -9.11
C LEU A 157 28.03 14.37 -9.62
N SER A 158 28.80 15.01 -8.75
CA SER A 158 29.43 16.27 -9.15
C SER A 158 30.89 16.11 -9.52
N GLY A 159 31.50 15.00 -9.14
CA GLY A 159 32.90 14.79 -9.41
C GLY A 159 33.85 15.45 -8.39
N ARG A 160 33.30 16.20 -7.42
CA ARG A 160 34.07 16.91 -6.38
C ARG A 160 34.01 16.29 -4.96
N LYS A 161 35.10 16.36 -4.22
CA LYS A 161 35.08 15.85 -2.86
C LYS A 161 34.54 16.93 -1.94
N ILE A 162 33.82 16.52 -0.89
CA ILE A 162 33.32 17.50 0.08
C ILE A 162 34.04 17.32 1.46
N HIS A 163 34.79 18.35 1.87
CA HIS A 163 35.52 18.32 3.15
C HIS A 163 34.91 19.33 4.15
N SER A 164 34.01 20.19 3.70
CA SER A 164 33.38 21.19 4.56
C SER A 164 32.00 21.70 4.11
N GLN A 165 31.39 22.50 4.95
CA GLN A 165 30.08 23.04 4.61
C GLN A 165 30.08 23.92 3.39
N GLU A 166 31.15 24.67 3.18
CA GLU A 166 31.17 25.56 2.05
C GLU A 166 31.40 24.79 0.76
N GLU A 167 32.22 23.75 0.81
CA GLU A 167 32.41 22.97 -0.41
C GLU A 167 31.13 22.21 -0.73
N ALA A 168 30.35 21.89 0.31
CA ALA A 168 29.07 21.19 0.13
C ALA A 168 28.10 22.12 -0.58
N LEU A 169 28.04 23.37 -0.16
CA LEU A 169 27.15 24.31 -0.83
C LEU A 169 27.63 24.58 -2.25
N ARG A 170 28.93 24.39 -2.53
CA ARG A 170 29.39 24.61 -3.90
C ARG A 170 28.98 23.43 -4.75
N VAL A 171 29.08 22.22 -4.19
CA VAL A 171 28.64 21.02 -4.89
C VAL A 171 27.10 21.05 -5.15
N MET A 172 26.32 21.60 -4.23
CA MET A 172 24.88 21.71 -4.47
C MET A 172 24.65 22.70 -5.63
N ASP A 173 25.49 23.72 -5.71
CA ASP A 173 25.37 24.70 -6.76
C ASP A 173 25.58 24.04 -8.12
N MET A 174 26.57 23.17 -8.21
CA MET A 174 26.86 22.43 -9.41
C MET A 174 25.67 21.51 -9.73
N LEU A 175 25.07 20.91 -8.71
CA LEU A 175 23.95 20.02 -8.94
C LEU A 175 22.79 20.86 -9.45
N HIS A 176 22.60 22.06 -8.89
CA HIS A 176 21.50 22.90 -9.40
C HIS A 176 21.72 23.20 -10.88
N SER A 177 22.97 23.45 -11.28
CA SER A 177 23.26 23.76 -12.70
C SER A 177 22.99 22.51 -13.57
N MET A 178 23.17 21.32 -13.02
CA MET A 178 22.88 20.12 -13.79
C MET A 178 21.37 20.02 -14.09
N GLY A 179 20.56 20.79 -13.35
CA GLY A 179 19.13 20.79 -13.51
C GLY A 179 18.17 21.01 -12.31
N PRO A 180 18.23 20.18 -11.24
CA PRO A 180 17.25 20.43 -10.16
C PRO A 180 17.28 21.72 -9.36
N ASP A 181 16.10 22.31 -9.17
CA ASP A 181 15.92 23.51 -8.37
C ASP A 181 16.02 23.26 -6.85
N THR A 182 15.97 22.00 -6.41
CA THR A 182 16.04 21.70 -4.99
C THR A 182 16.97 20.57 -4.77
N VAL A 183 17.92 20.81 -3.87
CA VAL A 183 18.92 19.82 -3.50
C VAL A 183 18.97 19.82 -1.96
N VAL A 184 18.93 18.61 -1.42
CA VAL A 184 18.98 18.41 0.00
C VAL A 184 19.99 17.32 0.21
N ILE A 185 21.08 17.65 0.88
CA ILE A 185 22.05 16.61 1.20
C ILE A 185 21.59 16.05 2.55
N THR A 186 21.04 14.84 2.49
CA THR A 186 20.40 14.15 3.59
C THR A 186 21.26 13.62 4.73
N SER A 187 22.54 13.49 4.50
CA SER A 187 23.43 13.07 5.55
C SER A 187 24.79 13.34 5.03
N SER A 188 25.65 13.75 5.95
CA SER A 188 27.00 14.13 5.67
C SER A 188 27.93 13.78 6.84
N ASP A 189 29.24 13.83 6.59
CA ASP A 189 30.29 13.59 7.60
C ASP A 189 30.77 14.90 8.20
N LEU A 190 30.04 15.98 7.99
CA LEU A 190 30.41 17.29 8.50
C LEU A 190 30.12 17.35 9.99
N PRO A 191 31.05 17.90 10.81
CA PRO A 191 30.84 17.98 12.27
C PRO A 191 29.88 19.05 12.71
N SER A 192 29.20 18.80 13.82
CA SER A 192 28.26 19.76 14.38
C SER A 192 28.76 20.30 15.70
N PRO A 193 28.46 21.57 15.99
CA PRO A 193 28.91 22.11 17.26
C PRO A 193 28.11 21.45 18.36
N GLN A 194 27.06 20.72 18.01
CA GLN A 194 26.22 20.06 19.02
C GLN A 194 26.81 18.82 19.60
N GLY A 195 27.87 18.27 19.01
CA GLY A 195 28.41 17.04 19.59
C GLY A 195 28.74 16.05 18.52
N SER A 196 29.56 15.05 18.87
CA SER A 196 30.00 14.05 17.95
C SER A 196 28.83 13.19 17.47
N ASN A 197 27.71 13.22 18.20
CA ASN A 197 26.58 12.38 17.85
C ASN A 197 25.57 13.10 16.96
N TYR A 198 26.03 14.13 16.25
CA TYR A 198 25.17 14.93 15.37
C TYR A 198 25.79 14.98 13.99
N LEU A 199 24.94 15.19 12.99
CA LEU A 199 25.39 15.31 11.60
C LEU A 199 24.73 16.53 11.05
N ILE A 200 25.25 17.03 9.93
CA ILE A 200 24.66 18.20 9.30
C ILE A 200 23.80 17.80 8.06
N VAL A 201 22.67 18.48 7.87
CA VAL A 201 21.81 18.27 6.71
C VAL A 201 21.79 19.64 6.09
N LEU A 202 21.96 19.67 4.76
CA LEU A 202 21.94 20.92 4.00
C LEU A 202 20.92 20.90 2.89
N GLY A 203 20.21 21.99 2.75
CA GLY A 203 19.23 22.08 1.71
C GLY A 203 19.43 23.39 0.96
N SER A 204 19.09 23.39 -0.32
CA SER A 204 19.21 24.55 -1.21
C SER A 204 18.07 24.53 -2.24
N GLN A 205 17.44 25.66 -2.45
CA GLN A 205 16.34 25.78 -3.39
C GLN A 205 16.43 27.09 -4.15
N ARG A 206 16.31 26.95 -5.47
CA ARG A 206 16.33 28.02 -6.47
C ARG A 206 14.85 28.32 -6.85
N ARG A 207 14.40 29.58 -6.73
CA ARG A 207 12.99 29.88 -7.02
C ARG A 207 12.74 31.21 -7.73
N GLY A 212 8.73 38.71 -9.18
CA GLY A 212 9.50 37.47 -8.89
C GLY A 212 10.78 37.33 -9.70
N SER A 213 11.91 37.40 -9.00
CA SER A 213 13.22 37.24 -9.62
C SER A 213 13.75 35.87 -9.15
N VAL A 214 15.01 35.58 -9.50
CA VAL A 214 15.71 34.32 -9.15
C VAL A 214 16.38 34.34 -7.76
N VAL A 215 15.75 33.75 -6.74
CA VAL A 215 16.37 33.76 -5.43
C VAL A 215 16.74 32.38 -4.88
N MET A 216 17.72 32.35 -3.98
CA MET A 216 18.20 31.15 -3.34
C MET A 216 17.84 31.12 -1.89
N GLU A 217 17.40 29.96 -1.40
CA GLU A 217 17.14 29.82 0.01
C GLU A 217 18.02 28.65 0.38
N ARG A 218 18.86 28.79 1.38
CA ARG A 218 19.75 27.70 1.81
C ARG A 218 19.56 27.49 3.30
N ILE A 219 19.60 26.23 3.73
CA ILE A 219 19.32 25.90 5.11
C ILE A 219 20.25 24.86 5.60
N ARG A 220 20.37 24.82 6.93
CA ARG A 220 21.23 23.86 7.59
C ARG A 220 20.48 23.32 8.80
N MET A 221 20.61 22.03 9.03
CA MET A 221 19.98 21.44 10.17
C MET A 221 21.06 20.58 10.81
N ASP A 222 21.04 20.48 12.15
CA ASP A 222 21.98 19.66 12.93
C ASP A 222 21.13 18.58 13.57
N ILE A 223 21.33 17.33 13.18
CA ILE A 223 20.47 16.28 13.69
C ILE A 223 21.20 15.09 14.31
N ARG A 224 20.61 14.53 15.36
CA ARG A 224 21.13 13.39 16.11
C ARG A 224 21.37 12.16 15.25
N LYS A 225 22.47 11.47 15.44
CA LYS A 225 22.68 10.27 14.66
C LYS A 225 21.96 9.08 15.27
N VAL A 226 21.68 8.12 14.39
CA VAL A 226 20.99 6.86 14.64
C VAL A 226 21.95 5.81 15.26
N ASP A 227 21.66 5.33 16.47
CA ASP A 227 22.51 4.33 17.12
C ASP A 227 22.39 2.95 16.45
N ALA A 228 21.67 2.91 15.34
CA ALA A 228 21.47 1.66 14.62
C ALA A 228 21.23 1.90 13.13
N VAL A 229 20.93 0.80 12.46
CA VAL A 229 20.71 0.84 11.04
C VAL A 229 19.31 0.39 10.61
N PHE A 230 18.57 1.42 10.20
CA PHE A 230 17.23 1.35 9.73
C PHE A 230 17.15 1.33 8.22
N VAL A 231 16.18 0.60 7.70
CA VAL A 231 16.00 0.54 6.28
C VAL A 231 14.76 1.34 5.92
N GLY A 232 14.81 2.02 4.78
CA GLY A 232 13.67 2.75 4.31
C GLY A 232 13.53 4.18 4.75
N THR A 233 14.48 4.68 5.54
CA THR A 233 14.45 6.06 6.06
C THR A 233 14.61 7.15 4.94
N GLY A 234 15.48 6.87 3.98
CA GLY A 234 15.72 7.70 2.82
C GLY A 234 14.51 7.61 1.88
N ASP A 235 13.84 6.45 1.79
CA ASP A 235 12.65 6.39 0.95
C ASP A 235 11.55 7.26 1.63
N LEU A 236 11.43 7.14 2.96
CA LEU A 236 10.46 7.91 3.72
C LEU A 236 10.75 9.41 3.59
N PHE A 237 12.02 9.74 3.72
CA PHE A 237 12.50 11.11 3.64
C PHE A 237 12.14 11.75 2.30
N ALA A 238 12.43 11.08 1.20
CA ALA A 238 12.06 11.65 -0.09
C ALA A 238 10.56 11.89 -0.27
N ALA A 239 9.76 10.88 0.12
CA ALA A 239 8.29 10.96 0.04
C ALA A 239 7.73 12.12 0.88
N MET A 240 8.28 12.29 2.09
CA MET A 240 7.86 13.38 3.01
C MET A 240 8.35 14.73 2.51
N LEU A 241 9.58 14.79 1.98
CA LEU A 241 10.02 16.07 1.42
C LEU A 241 9.10 16.47 0.26
N LEU A 242 8.67 15.49 -0.56
CA LEU A 242 7.78 15.73 -1.69
C LEU A 242 6.47 16.38 -1.16
N ALA A 243 5.91 15.77 -0.14
CA ALA A 243 4.65 16.23 0.50
C ALA A 243 4.72 17.58 1.14
N TRP A 244 5.78 17.80 1.92
CA TRP A 244 5.89 19.10 2.59
C TRP A 244 6.31 20.22 1.69
N THR A 245 7.14 19.91 0.70
CA THR A 245 7.49 20.96 -0.26
C THR A 245 6.22 21.29 -1.09
N HIS A 246 5.33 20.31 -1.28
CA HIS A 246 4.12 20.56 -1.99
C HIS A 246 3.19 21.50 -1.22
N LYS A 247 3.06 21.27 0.08
CA LYS A 247 2.20 22.05 0.96
C LYS A 247 2.79 23.44 1.34
N HIS A 248 4.12 23.54 1.39
CA HIS A 248 4.79 24.80 1.72
C HIS A 248 5.77 24.99 0.59
N PRO A 249 5.26 25.38 -0.60
CA PRO A 249 6.05 25.61 -1.83
C PRO A 249 7.30 26.51 -1.83
N ASN A 250 7.25 27.65 -1.18
CA ASN A 250 8.46 28.44 -1.24
C ASN A 250 9.03 28.63 0.17
N ASN A 251 9.25 27.48 0.80
CA ASN A 251 9.73 27.47 2.15
C ASN A 251 10.44 26.20 2.42
N LEU A 252 11.65 26.11 1.92
CA LEU A 252 12.43 24.88 2.13
C LEU A 252 12.69 24.63 3.63
N LYS A 253 12.66 25.70 4.44
CA LYS A 253 12.92 25.62 5.88
C LYS A 253 11.87 24.79 6.60
N VAL A 254 10.62 25.23 6.50
CA VAL A 254 9.52 24.50 7.08
C VAL A 254 9.36 23.09 6.48
N ALA A 255 9.53 22.98 5.17
CA ALA A 255 9.38 21.68 4.55
C ALA A 255 10.40 20.69 5.10
N CYS A 256 11.65 21.13 5.30
CA CYS A 256 12.65 20.19 5.85
C CYS A 256 12.45 19.90 7.35
N GLU A 257 11.93 20.90 8.09
CA GLU A 257 11.68 20.75 9.53
C GLU A 257 10.60 19.68 9.73
N LYS A 258 9.55 19.75 8.91
CA LYS A 258 8.47 18.77 8.96
C LYS A 258 8.95 17.40 8.47
N THR A 259 9.77 17.39 7.44
CA THR A 259 10.23 16.12 6.92
C THR A 259 11.03 15.45 7.99
N VAL A 260 12.06 16.13 8.46
CA VAL A 260 12.93 15.56 9.49
C VAL A 260 12.13 15.26 10.75
N SER A 261 11.22 16.14 11.19
CA SER A 261 10.48 15.83 12.41
C SER A 261 9.70 14.55 12.26
N THR A 262 9.05 14.43 11.12
CA THR A 262 8.32 13.22 10.84
C THR A 262 9.25 12.00 10.98
N LEU A 263 10.43 12.07 10.39
CA LEU A 263 11.36 10.92 10.47
C LEU A 263 11.68 10.66 11.92
N HIS A 264 11.88 11.73 12.69
CA HIS A 264 12.22 11.60 14.11
C HIS A 264 11.22 10.75 14.89
N HIS A 265 9.94 11.13 14.82
CA HIS A 265 8.87 10.40 15.51
C HIS A 265 8.76 8.96 15.08
N VAL A 266 8.94 8.68 13.80
CA VAL A 266 8.88 7.31 13.32
C VAL A 266 10.05 6.51 13.89
N LEU A 267 11.24 7.08 13.83
CA LEU A 267 12.42 6.33 14.30
C LEU A 267 12.39 6.15 15.80
N GLN A 268 11.92 7.17 16.53
CA GLN A 268 11.85 7.15 17.99
C GLN A 268 10.97 5.96 18.41
N ARG A 269 9.81 5.86 17.78
CA ARG A 269 8.86 4.78 18.03
C ARG A 269 9.46 3.43 17.63
N THR A 270 10.16 3.42 16.51
CA THR A 270 10.79 2.20 16.02
C THR A 270 11.83 1.75 17.03
N ILE A 271 12.61 2.71 17.52
CA ILE A 271 13.63 2.41 18.52
C ILE A 271 13.07 1.94 19.83
N GLN A 272 12.03 2.61 20.34
CA GLN A 272 11.49 2.13 21.61
C GLN A 272 10.96 0.70 21.48
N CYS A 273 10.21 0.43 20.42
CA CYS A 273 9.64 -0.88 20.21
C CYS A 273 10.70 -1.95 20.05
N ALA A 274 11.73 -1.68 19.26
CA ALA A 274 12.82 -2.63 19.03
C ALA A 274 13.55 -3.00 20.32
N LYS A 275 13.79 -2.00 21.20
CA LYS A 275 14.49 -2.28 22.45
C LYS A 275 13.57 -3.10 23.36
N ALA A 276 12.29 -2.72 23.39
CA ALA A 276 11.29 -3.44 24.16
C ALA A 276 11.13 -4.91 23.72
N GLN A 277 11.61 -5.26 22.51
CA GLN A 277 11.53 -6.64 21.96
C GLN A 277 12.88 -7.39 22.02
N ALA A 278 13.98 -6.69 21.75
CA ALA A 278 15.32 -7.28 21.84
C ALA A 278 15.55 -7.21 23.35
N GLY A 279 16.72 -7.57 23.82
CA GLY A 279 16.91 -7.45 25.25
C GLY A 279 17.42 -6.08 25.67
N GLU A 280 17.81 -5.98 26.93
CA GLU A 280 18.40 -4.77 27.49
C GLU A 280 19.83 -4.96 26.98
N GLY A 281 20.46 -3.91 26.45
CA GLY A 281 21.82 -4.03 25.94
C GLY A 281 21.96 -5.01 24.77
N VAL A 282 20.83 -5.50 24.27
CA VAL A 282 20.79 -6.44 23.14
C VAL A 282 20.44 -5.66 21.87
N ARG A 283 21.30 -5.81 20.86
CA ARG A 283 21.11 -5.16 19.55
C ARG A 283 19.98 -5.94 18.81
N PRO A 284 18.86 -5.23 18.49
CA PRO A 284 17.66 -5.72 17.82
C PRO A 284 17.91 -6.30 16.46
N SER A 285 17.09 -7.27 16.08
CA SER A 285 17.23 -7.86 14.74
C SER A 285 16.65 -6.92 13.66
N PRO A 286 17.00 -7.14 12.39
CA PRO A 286 16.48 -6.30 11.31
C PRO A 286 14.93 -6.28 11.31
N MET A 287 14.32 -7.37 11.79
CA MET A 287 12.87 -7.54 11.82
C MET A 287 12.24 -6.59 12.87
N GLN A 288 12.90 -6.49 14.03
CA GLN A 288 12.46 -5.60 15.13
C GLN A 288 12.76 -4.14 14.82
N LEU A 289 13.68 -3.94 13.88
CA LEU A 289 14.06 -2.60 13.47
C LEU A 289 13.24 -2.02 12.30
N GLU A 290 12.24 -2.76 11.80
CA GLU A 290 11.39 -2.31 10.68
C GLU A 290 10.62 -1.07 11.13
N LEU A 291 10.56 -0.05 10.30
CA LEU A 291 9.86 1.18 10.66
C LEU A 291 8.40 0.96 11.19
N ARG A 292 8.07 1.63 12.28
CA ARG A 292 6.73 1.54 12.86
C ARG A 292 5.89 2.55 12.15
N MET A 293 5.63 2.20 10.90
CA MET A 293 4.88 3.01 9.95
C MET A 293 3.41 3.32 10.26
N VAL A 294 2.64 2.26 10.44
CA VAL A 294 1.23 2.33 10.69
C VAL A 294 0.92 3.00 12.01
N GLN A 295 1.76 2.74 13.00
CA GLN A 295 1.62 3.33 14.30
C GLN A 295 1.96 4.82 14.38
N SER A 296 2.63 5.36 13.37
CA SER A 296 3.03 6.79 13.36
C SER A 296 2.10 7.60 12.49
N LYS A 297 0.95 7.03 12.14
CA LYS A 297 -0.02 7.76 11.33
C LYS A 297 -0.24 9.23 11.79
N ARG A 298 -0.36 9.46 13.11
CA ARG A 298 -0.65 10.84 13.52
C ARG A 298 0.57 11.74 13.36
N ASP A 299 1.76 11.15 13.49
CA ASP A 299 2.99 11.92 13.34
C ASP A 299 3.16 12.30 11.86
N ILE A 300 2.66 11.45 10.96
CA ILE A 300 2.72 11.78 9.55
C ILE A 300 1.71 12.90 9.22
N GLU A 301 0.48 12.78 9.70
CA GLU A 301 -0.51 13.82 9.40
C GLU A 301 -0.11 15.21 9.90
N ASP A 302 0.45 15.28 11.10
CA ASP A 302 0.80 16.57 11.72
C ASP A 302 1.92 16.37 12.73
N PRO A 303 3.20 16.31 12.27
CA PRO A 303 4.32 16.09 13.20
C PRO A 303 4.68 17.25 14.09
N GLU A 304 4.93 16.98 15.37
CA GLU A 304 5.35 18.06 16.27
C GLU A 304 6.79 18.44 15.83
N ILE A 305 7.06 19.71 15.54
CA ILE A 305 8.41 20.15 15.14
C ILE A 305 9.48 19.96 16.26
N VAL A 306 10.53 19.23 16.01
CA VAL A 306 11.53 19.02 17.05
C VAL A 306 12.95 19.36 16.58
N VAL A 307 13.04 20.11 15.48
CA VAL A 307 14.30 20.59 14.90
C VAL A 307 13.95 21.97 14.36
N GLN A 308 14.95 22.84 14.34
CA GLN A 308 14.79 24.16 13.76
C GLN A 308 15.92 24.16 12.72
N ALA A 309 15.58 24.54 11.49
CA ALA A 309 16.55 24.66 10.42
C ALA A 309 16.98 26.11 10.46
N THR A 310 18.27 26.34 10.30
CA THR A 310 18.73 27.69 10.26
C THR A 310 18.98 28.07 8.79
N VAL A 311 18.46 29.23 8.42
CA VAL A 311 18.62 29.79 7.07
C VAL A 311 20.02 30.39 6.86
N LEU A 312 20.73 29.89 5.85
CA LEU A 312 22.07 30.32 5.60
C LEU A 312 22.24 31.61 4.78
N GLU B 3 1.37 -6.37 20.73
CA GLU B 3 0.21 -5.47 20.46
C GLU B 3 -0.28 -5.53 18.98
N GLU B 4 0.64 -5.81 18.05
CA GLU B 4 0.32 -5.85 16.61
C GLU B 4 -0.49 -7.00 16.00
N CYS B 5 -1.37 -6.63 15.08
CA CYS B 5 -2.22 -7.58 14.38
C CYS B 5 -1.77 -7.71 12.91
N ARG B 6 -1.11 -8.82 12.56
CA ARG B 6 -0.61 -9.00 11.19
C ARG B 6 -1.59 -9.68 10.24
N VAL B 7 -1.77 -9.09 9.05
CA VAL B 7 -2.65 -9.62 8.04
C VAL B 7 -1.87 -9.95 6.74
N LEU B 8 -1.94 -11.18 6.23
CA LEU B 8 -1.28 -11.49 4.97
C LEU B 8 -2.38 -11.41 3.91
N SER B 9 -2.23 -10.44 3.01
CA SER B 9 -3.22 -10.28 1.99
C SER B 9 -2.67 -10.52 0.60
N ILE B 10 -3.23 -11.52 -0.06
CA ILE B 10 -2.82 -11.93 -1.41
C ILE B 10 -3.90 -11.62 -2.41
N GLN B 11 -3.72 -10.52 -3.15
CA GLN B 11 -4.66 -10.05 -4.12
C GLN B 11 -3.95 -9.20 -5.16
N SER B 12 -4.69 -8.90 -6.21
CA SER B 12 -4.23 -8.07 -7.33
C SER B 12 -3.70 -6.68 -6.92
N HIS B 13 -2.79 -6.14 -7.72
CA HIS B 13 -2.30 -4.79 -7.53
C HIS B 13 -2.48 -4.11 -8.90
N VAL B 14 -2.91 -2.85 -8.85
CA VAL B 14 -3.01 -2.01 -10.04
C VAL B 14 -2.25 -0.70 -9.74
N ILE B 15 -1.68 -0.08 -10.80
CA ILE B 15 -0.98 1.19 -10.73
C ILE B 15 -2.07 2.32 -10.44
N ARG B 16 -2.96 2.53 -11.40
CA ARG B 16 -4.02 3.49 -11.20
C ARG B 16 -5.26 2.79 -10.62
N GLY B 17 -5.89 3.45 -9.64
CA GLY B 17 -7.13 2.91 -9.09
C GLY B 17 -7.10 2.08 -7.82
N TYR B 18 -8.28 1.67 -7.40
CA TYR B 18 -8.44 0.87 -6.17
C TYR B 18 -9.31 -0.37 -6.26
N VAL B 19 -8.69 -1.55 -6.36
CA VAL B 19 -9.34 -2.88 -6.42
C VAL B 19 -8.30 -3.82 -5.81
N GLY B 20 -8.68 -5.03 -5.38
CA GLY B 20 -7.70 -5.93 -4.79
C GLY B 20 -7.00 -5.32 -3.58
N ASN B 21 -5.71 -5.62 -3.44
CA ASN B 21 -4.81 -5.11 -2.41
C ASN B 21 -4.83 -3.58 -2.33
N ARG B 22 -5.10 -2.92 -3.44
CA ARG B 22 -5.17 -1.47 -3.46
C ARG B 22 -6.41 -0.96 -2.72
N ALA B 23 -7.52 -1.67 -2.82
CA ALA B 23 -8.73 -1.24 -2.10
C ALA B 23 -8.68 -1.73 -0.65
N ALA B 24 -7.94 -2.79 -0.39
CA ALA B 24 -7.85 -3.37 0.92
C ALA B 24 -6.75 -2.78 1.87
N THR B 25 -5.60 -2.39 1.32
CA THR B 25 -4.48 -1.97 2.14
C THR B 25 -4.55 -0.66 2.89
N PHE B 26 -4.68 0.44 2.17
CA PHE B 26 -4.75 1.69 2.86
C PHE B 26 -5.75 1.66 4.06
N PRO B 27 -7.00 1.20 3.86
CA PRO B 27 -8.03 1.17 4.94
C PRO B 27 -7.57 0.35 6.14
N LEU B 28 -7.01 -0.83 5.88
CA LEU B 28 -6.55 -1.62 7.03
C LEU B 28 -5.35 -0.97 7.76
N GLN B 29 -4.48 -0.28 7.02
CA GLN B 29 -3.30 0.38 7.57
C GLN B 29 -3.84 1.55 8.39
N VAL B 30 -4.81 2.26 7.84
CA VAL B 30 -5.45 3.36 8.59
C VAL B 30 -5.99 2.86 9.96
N LEU B 31 -6.49 1.63 9.99
CA LEU B 31 -7.04 1.11 11.22
C LEU B 31 -5.98 0.44 12.13
N GLY B 32 -4.71 0.52 11.75
CA GLY B 32 -3.70 0.01 12.65
C GLY B 32 -3.19 -1.40 12.44
N PHE B 33 -3.62 -2.06 11.36
CA PHE B 33 -3.19 -3.43 11.12
C PHE B 33 -1.83 -3.47 10.38
N GLU B 34 -0.97 -4.39 10.75
CA GLU B 34 0.30 -4.58 10.05
C GLU B 34 -0.10 -5.47 8.86
N ILE B 35 -0.60 -4.86 7.80
CA ILE B 35 -0.97 -5.71 6.68
C ILE B 35 0.15 -5.85 5.65
N ASP B 36 0.54 -7.08 5.35
CA ASP B 36 1.56 -7.34 4.34
C ASP B 36 0.78 -7.77 3.07
N ALA B 37 1.10 -7.15 1.95
CA ALA B 37 0.44 -7.42 0.69
C ALA B 37 1.28 -8.24 -0.28
N VAL B 38 0.79 -9.40 -0.71
CA VAL B 38 1.47 -10.22 -1.76
C VAL B 38 0.64 -9.86 -2.99
N ASN B 39 1.27 -9.24 -4.00
CA ASN B 39 0.54 -8.83 -5.21
C ASN B 39 0.44 -9.98 -6.22
N SER B 40 -0.77 -10.48 -6.46
CA SER B 40 -0.90 -11.63 -7.33
C SER B 40 -0.83 -11.29 -8.82
N VAL B 41 -1.07 -10.04 -9.16
CA VAL B 41 -0.91 -9.50 -10.51
C VAL B 41 -0.52 -8.06 -10.28
N GLN B 42 0.05 -7.46 -11.31
CA GLN B 42 0.37 -6.04 -11.30
C GLN B 42 0.01 -5.56 -12.69
N PHE B 43 -1.06 -4.80 -12.74
CA PHE B 43 -1.60 -4.29 -13.96
C PHE B 43 -1.70 -2.78 -13.88
N SER B 44 -1.87 -2.15 -15.03
CA SER B 44 -1.94 -0.70 -15.08
C SER B 44 -3.17 -0.14 -14.42
N ASN B 45 -4.25 -0.90 -14.48
CA ASN B 45 -5.56 -0.44 -13.98
C ASN B 45 -6.49 -1.66 -14.03
N HIS B 46 -7.75 -1.52 -13.59
CA HIS B 46 -8.60 -2.71 -13.61
C HIS B 46 -9.14 -3.09 -15.02
N THR B 47 -9.53 -4.35 -15.19
CA THR B 47 -10.00 -4.79 -16.47
C THR B 47 -11.36 -4.26 -16.96
N GLY B 48 -11.96 -3.34 -16.24
CA GLY B 48 -13.20 -2.75 -16.71
C GLY B 48 -12.89 -1.53 -17.61
N TYR B 49 -11.61 -1.20 -17.77
CA TYR B 49 -11.23 -0.08 -18.63
C TYR B 49 -11.08 -0.62 -20.04
N ALA B 50 -11.13 0.28 -21.01
CA ALA B 50 -10.99 -0.08 -22.40
C ALA B 50 -9.67 -0.80 -22.56
N HIS B 51 -8.65 -0.41 -21.79
CA HIS B 51 -7.33 -1.03 -21.92
C HIS B 51 -6.69 -1.41 -20.61
N TRP B 52 -5.78 -2.36 -20.68
CA TRP B 52 -5.05 -2.79 -19.54
C TRP B 52 -3.89 -3.72 -19.96
N LYS B 53 -2.80 -3.60 -19.24
CA LYS B 53 -1.59 -4.35 -19.48
C LYS B 53 -1.04 -4.60 -18.09
N GLY B 54 -0.21 -5.63 -17.97
CA GLY B 54 0.35 -6.00 -16.70
C GLY B 54 0.95 -7.40 -16.75
N GLN B 55 1.48 -7.84 -15.63
CA GLN B 55 2.05 -9.18 -15.48
C GLN B 55 1.26 -9.91 -14.32
N VAL B 56 1.41 -11.22 -14.25
CA VAL B 56 0.73 -11.93 -13.21
C VAL B 56 1.80 -12.70 -12.50
N LEU B 57 1.52 -13.05 -11.26
CA LEU B 57 2.41 -13.80 -10.42
C LEU B 57 1.91 -15.25 -10.57
N ASN B 58 2.85 -16.19 -10.73
CA ASN B 58 2.44 -17.57 -10.82
C ASN B 58 2.73 -18.31 -9.49
N SER B 59 2.15 -19.51 -9.34
CA SER B 59 2.25 -20.32 -8.12
C SER B 59 3.65 -20.56 -7.65
N ASP B 60 4.57 -20.78 -8.58
CA ASP B 60 5.98 -20.93 -8.25
C ASP B 60 6.57 -19.68 -7.58
N GLU B 61 6.26 -18.51 -8.15
CA GLU B 61 6.73 -17.24 -7.59
C GLU B 61 6.06 -16.97 -6.26
N LEU B 62 4.78 -17.35 -6.14
CA LEU B 62 4.05 -17.18 -4.87
C LEU B 62 4.75 -18.03 -3.83
N GLN B 63 5.15 -19.23 -4.20
CA GLN B 63 5.84 -20.11 -3.27
C GLN B 63 7.21 -19.61 -2.87
N GLU B 64 7.92 -18.98 -3.81
CA GLU B 64 9.26 -18.39 -3.56
C GLU B 64 9.15 -17.32 -2.50
N LEU B 65 8.19 -16.41 -2.67
CA LEU B 65 8.02 -15.32 -1.70
C LEU B 65 7.68 -15.84 -0.30
N TYR B 66 6.90 -16.90 -0.26
CA TYR B 66 6.50 -17.48 1.01
C TYR B 66 7.76 -18.09 1.66
N GLU B 67 8.58 -18.71 0.82
CA GLU B 67 9.85 -19.33 1.21
C GLU B 67 10.73 -18.29 1.93
N GLY B 68 10.75 -17.07 1.39
CA GLY B 68 11.52 -16.02 2.00
C GLY B 68 11.00 -15.68 3.38
N LEU B 69 9.68 -15.60 3.51
CA LEU B 69 9.07 -15.24 4.78
C LEU B 69 9.39 -16.35 5.77
N ARG B 70 9.28 -17.58 5.27
CA ARG B 70 9.53 -18.78 6.05
C ARG B 70 10.96 -18.82 6.58
N LEU B 71 11.93 -18.72 5.66
CA LEU B 71 13.35 -18.72 6.02
C LEU B 71 13.66 -17.65 7.09
N ASN B 72 12.88 -16.58 7.15
CA ASN B 72 13.18 -15.56 8.14
C ASN B 72 12.30 -15.69 9.37
N ASN B 73 11.53 -16.76 9.38
CA ASN B 73 10.67 -17.03 10.50
C ASN B 73 9.62 -15.93 10.60
N MET B 74 9.24 -15.35 9.47
CA MET B 74 8.24 -14.30 9.49
C MET B 74 6.89 -14.82 9.03
N ASN B 75 6.73 -16.15 9.05
CA ASN B 75 5.45 -16.77 8.67
C ASN B 75 4.56 -16.94 9.90
N LYS B 76 4.24 -15.81 10.53
CA LYS B 76 3.37 -15.82 11.67
C LYS B 76 2.35 -14.67 11.47
N TYR B 77 1.13 -15.04 11.13
CA TYR B 77 0.10 -14.06 10.89
C TYR B 77 -1.14 -14.28 11.76
N ASP B 78 -1.92 -13.24 11.95
CA ASP B 78 -3.14 -13.37 12.75
C ASP B 78 -4.30 -13.58 11.82
N TYR B 79 -4.18 -13.02 10.61
CA TYR B 79 -5.16 -13.08 9.53
C TYR B 79 -4.55 -13.33 8.17
N VAL B 80 -5.37 -13.92 7.28
CA VAL B 80 -4.99 -14.06 5.90
C VAL B 80 -6.20 -13.53 5.19
N LEU B 81 -5.96 -12.78 4.11
CA LEU B 81 -7.06 -12.20 3.35
C LEU B 81 -6.89 -12.48 1.83
N THR B 82 -7.89 -13.06 1.15
CA THR B 82 -7.80 -13.33 -0.31
C THR B 82 -9.14 -13.05 -0.98
N GLY B 83 -9.11 -12.73 -2.28
CA GLY B 83 -10.31 -12.44 -3.02
C GLY B 83 -10.15 -13.04 -4.41
N TYR B 84 -10.26 -12.19 -5.45
CA TYR B 84 -10.16 -12.64 -6.81
C TYR B 84 -8.87 -13.39 -7.04
N THR B 85 -8.99 -14.66 -7.43
CA THR B 85 -7.83 -15.53 -7.76
C THR B 85 -8.17 -16.04 -9.16
N ARG B 86 -7.18 -16.10 -10.02
CA ARG B 86 -7.49 -16.41 -11.38
C ARG B 86 -7.10 -17.78 -11.89
N ASP B 87 -6.41 -18.54 -11.09
CA ASP B 87 -5.89 -19.76 -11.61
C ASP B 87 -5.79 -20.87 -10.55
N LYS B 88 -6.12 -22.11 -10.96
CA LYS B 88 -6.13 -23.25 -10.04
C LYS B 88 -4.82 -23.55 -9.28
N SER B 89 -3.70 -23.56 -9.98
CA SER B 89 -2.46 -23.84 -9.28
C SER B 89 -2.16 -22.71 -8.30
N PHE B 90 -2.50 -21.48 -8.66
CA PHE B 90 -2.30 -20.33 -7.78
C PHE B 90 -3.16 -20.54 -6.48
N LEU B 91 -4.45 -20.76 -6.69
CA LEU B 91 -5.39 -21.01 -5.59
C LEU B 91 -4.92 -22.21 -4.73
N ALA B 92 -4.34 -23.23 -5.35
CA ALA B 92 -3.89 -24.37 -4.55
C ALA B 92 -2.71 -24.00 -3.68
N MET B 93 -1.78 -23.22 -4.24
CA MET B 93 -0.63 -22.79 -3.49
C MET B 93 -1.10 -21.95 -2.30
N VAL B 94 -2.08 -21.07 -2.55
CA VAL B 94 -2.61 -20.26 -1.47
C VAL B 94 -3.13 -21.18 -0.33
N VAL B 95 -3.75 -22.30 -0.71
CA VAL B 95 -4.24 -23.27 0.26
C VAL B 95 -3.09 -23.89 1.09
N ASP B 96 -2.03 -24.36 0.43
CA ASP B 96 -0.89 -24.89 1.16
C ASP B 96 -0.33 -23.85 2.14
N ILE B 97 -0.39 -22.56 1.78
CA ILE B 97 0.13 -21.50 2.62
C ILE B 97 -0.72 -21.24 3.84
N VAL B 98 -2.04 -21.14 3.64
CA VAL B 98 -2.94 -20.90 4.74
C VAL B 98 -2.85 -22.07 5.73
N GLN B 99 -2.84 -23.28 5.18
CA GLN B 99 -2.72 -24.53 5.93
C GLN B 99 -1.55 -24.39 6.87
N GLU B 100 -0.41 -24.04 6.30
CA GLU B 100 0.76 -23.93 7.14
C GLU B 100 0.68 -22.79 8.12
N LEU B 101 0.14 -21.64 7.71
CA LEU B 101 0.05 -20.52 8.65
C LEU B 101 -0.81 -20.94 9.80
N LYS B 102 -1.78 -21.81 9.55
CA LYS B 102 -2.64 -22.28 10.60
C LYS B 102 -1.96 -23.28 11.53
N GLN B 103 -0.98 -24.03 11.02
CA GLN B 103 -0.30 -25.00 11.89
C GLN B 103 0.61 -24.18 12.78
N GLN B 104 1.12 -23.08 12.22
CA GLN B 104 2.01 -22.18 12.94
C GLN B 104 1.20 -21.44 13.96
N ASN B 105 0.01 -20.95 13.58
CA ASN B 105 -0.83 -20.21 14.50
C ASN B 105 -2.29 -20.69 14.36
N PRO B 106 -2.63 -21.71 15.16
CA PRO B 106 -3.97 -22.29 15.14
C PRO B 106 -5.04 -21.25 15.35
N ARG B 107 -4.67 -20.05 15.84
CA ARG B 107 -5.72 -19.00 16.04
C ARG B 107 -5.93 -18.07 14.82
N LEU B 108 -5.14 -18.29 13.75
CA LEU B 108 -5.29 -17.49 12.53
C LEU B 108 -6.76 -17.51 11.97
N VAL B 109 -7.23 -16.35 11.51
CA VAL B 109 -8.56 -16.20 10.95
C VAL B 109 -8.30 -15.93 9.46
N TYR B 110 -8.82 -16.81 8.60
CA TYR B 110 -8.66 -16.69 7.17
C TYR B 110 -9.97 -16.09 6.64
N VAL B 111 -9.92 -14.83 6.18
CA VAL B 111 -11.06 -14.15 5.56
C VAL B 111 -11.00 -14.41 4.04
N CYS B 112 -11.94 -15.19 3.54
CA CYS B 112 -11.96 -15.51 2.15
C CYS B 112 -13.16 -14.94 1.35
N ASP B 113 -12.88 -14.08 0.35
CA ASP B 113 -13.94 -13.55 -0.54
C ASP B 113 -13.83 -14.59 -1.71
N PRO B 114 -14.78 -15.55 -1.83
CA PRO B 114 -14.71 -16.57 -2.89
C PRO B 114 -15.23 -16.09 -4.26
N VAL B 115 -14.42 -15.26 -4.92
CA VAL B 115 -14.83 -14.68 -6.18
C VAL B 115 -15.01 -15.69 -7.27
N LEU B 116 -16.23 -15.76 -7.80
CA LEU B 116 -16.52 -16.75 -8.85
C LEU B 116 -17.28 -16.15 -9.99
N GLY B 117 -18.20 -15.24 -9.67
CA GLY B 117 -18.99 -14.63 -10.71
C GLY B 117 -20.17 -13.86 -10.15
N ASP B 118 -21.17 -13.69 -10.98
CA ASP B 118 -22.32 -12.95 -10.55
C ASP B 118 -23.49 -13.24 -11.49
N LYS B 119 -24.68 -12.79 -11.10
CA LYS B 119 -25.89 -12.96 -11.89
C LYS B 119 -26.06 -11.63 -12.57
N TRP B 120 -26.34 -11.66 -13.87
CA TRP B 120 -26.52 -10.42 -14.61
C TRP B 120 -27.98 -10.23 -15.08
N ASP B 121 -28.41 -11.18 -15.88
CA ASP B 121 -29.76 -11.15 -16.41
C ASP B 121 -30.42 -12.42 -15.89
N GLY B 122 -31.03 -13.16 -16.80
CA GLY B 122 -31.69 -14.39 -16.46
C GLY B 122 -30.67 -15.39 -15.95
N GLU B 123 -29.39 -15.02 -15.99
CA GLU B 123 -28.36 -15.93 -15.50
C GLU B 123 -26.98 -15.38 -15.15
N GLY B 124 -26.31 -16.16 -14.31
CA GLY B 124 -24.98 -15.80 -13.89
C GLY B 124 -23.91 -16.26 -14.86
N SER B 125 -22.73 -15.71 -14.70
CA SER B 125 -21.61 -16.09 -15.54
C SER B 125 -20.39 -16.08 -14.63
N MET B 126 -19.39 -16.86 -14.97
CA MET B 126 -18.23 -16.94 -14.15
C MET B 126 -17.13 -15.95 -14.56
N TYR B 127 -16.36 -15.52 -13.55
CA TYR B 127 -15.28 -14.56 -13.74
C TYR B 127 -13.97 -15.28 -13.68
N VAL B 128 -14.00 -16.55 -13.35
CA VAL B 128 -12.74 -17.28 -13.23
C VAL B 128 -13.00 -18.67 -13.84
N PRO B 129 -11.94 -19.44 -14.11
CA PRO B 129 -12.07 -20.76 -14.70
C PRO B 129 -12.94 -21.67 -13.82
N GLU B 130 -13.85 -22.41 -14.46
CA GLU B 130 -14.70 -23.31 -13.74
C GLU B 130 -13.94 -24.28 -12.86
N ASP B 131 -12.68 -24.59 -13.18
CA ASP B 131 -11.96 -25.55 -12.32
C ASP B 131 -11.54 -25.02 -10.91
N LEU B 132 -11.88 -23.76 -10.60
CA LEU B 132 -11.58 -23.24 -9.29
C LEU B 132 -12.70 -23.69 -8.35
N LEU B 133 -13.90 -23.91 -8.88
CA LEU B 133 -15.00 -24.25 -8.01
C LEU B 133 -14.78 -25.50 -7.16
N PRO B 134 -14.25 -26.59 -7.71
CA PRO B 134 -14.09 -27.74 -6.81
C PRO B 134 -13.03 -27.43 -5.77
N VAL B 135 -12.09 -26.57 -6.13
CA VAL B 135 -11.02 -26.21 -5.20
C VAL B 135 -11.56 -25.35 -4.03
N TYR B 136 -12.47 -24.43 -4.32
CA TYR B 136 -13.07 -23.59 -3.31
C TYR B 136 -13.91 -24.46 -2.40
N LYS B 137 -14.63 -25.43 -2.99
CA LYS B 137 -15.49 -26.27 -2.18
C LYS B 137 -14.74 -27.23 -1.29
N GLU B 138 -13.80 -27.97 -1.85
CA GLU B 138 -13.05 -28.97 -1.08
C GLU B 138 -11.85 -28.47 -0.32
N LYS B 139 -11.13 -27.46 -0.84
CA LYS B 139 -9.94 -27.00 -0.16
C LYS B 139 -9.99 -25.65 0.55
N VAL B 140 -10.56 -24.65 -0.11
CA VAL B 140 -10.54 -23.32 0.44
C VAL B 140 -11.58 -23.03 1.49
N VAL B 141 -12.85 -23.15 1.13
CA VAL B 141 -13.90 -22.88 2.08
C VAL B 141 -13.67 -23.67 3.40
N PRO B 142 -13.21 -24.94 3.32
CA PRO B 142 -12.99 -25.63 4.62
C PRO B 142 -11.89 -25.02 5.54
N LEU B 143 -10.94 -24.27 4.98
CA LEU B 143 -9.93 -23.59 5.80
C LEU B 143 -10.42 -22.18 6.15
N ALA B 144 -11.48 -21.68 5.50
CA ALA B 144 -11.96 -20.32 5.73
C ALA B 144 -12.73 -20.08 7.05
N ASP B 145 -12.57 -18.89 7.62
CA ASP B 145 -13.21 -18.56 8.89
C ASP B 145 -14.33 -17.57 8.63
N ILE B 146 -14.11 -16.68 7.67
CA ILE B 146 -15.13 -15.68 7.29
C ILE B 146 -15.19 -15.66 5.76
N ILE B 147 -16.37 -15.85 5.16
CA ILE B 147 -16.52 -15.80 3.70
C ILE B 147 -17.57 -14.76 3.31
N THR B 148 -17.37 -14.15 2.15
CA THR B 148 -18.24 -13.09 1.63
C THR B 148 -18.76 -13.28 0.25
N PRO B 149 -19.48 -14.38 0.04
CA PRO B 149 -20.02 -14.62 -1.30
C PRO B 149 -21.21 -13.73 -1.60
N ASN B 150 -21.44 -13.50 -2.90
CA ASN B 150 -22.68 -12.84 -3.30
C ASN B 150 -23.66 -14.06 -3.42
N GLN B 151 -24.92 -13.80 -3.74
CA GLN B 151 -25.86 -14.90 -3.90
C GLN B 151 -25.42 -16.00 -4.86
N PHE B 152 -25.02 -15.58 -6.06
CA PHE B 152 -24.57 -16.49 -7.11
C PHE B 152 -23.49 -17.48 -6.58
N GLU B 153 -22.46 -16.94 -5.91
CA GLU B 153 -21.37 -17.71 -5.32
C GLU B 153 -21.87 -18.58 -4.17
N ALA B 154 -22.83 -18.11 -3.38
CA ALA B 154 -23.34 -18.99 -2.29
C ALA B 154 -24.06 -20.22 -2.93
N GLU B 155 -24.75 -19.99 -4.06
CA GLU B 155 -25.44 -21.04 -4.84
C GLU B 155 -24.41 -22.02 -5.45
N LEU B 156 -23.35 -21.50 -6.07
CA LEU B 156 -22.33 -22.40 -6.61
C LEU B 156 -21.69 -23.24 -5.53
N LEU B 157 -21.28 -22.58 -4.44
CA LEU B 157 -20.59 -23.31 -3.39
C LEU B 157 -21.48 -24.32 -2.67
N SER B 158 -22.76 -23.99 -2.45
CA SER B 158 -23.68 -24.90 -1.77
C SER B 158 -24.29 -25.89 -2.74
N GLY B 159 -24.41 -25.49 -3.99
CA GLY B 159 -25.00 -26.37 -4.98
C GLY B 159 -26.53 -26.33 -4.87
N ARG B 160 -27.08 -25.32 -4.21
CA ARG B 160 -28.51 -25.15 -4.02
C ARG B 160 -28.75 -23.79 -4.55
N LYS B 161 -29.93 -23.59 -5.14
CA LYS B 161 -30.30 -22.32 -5.70
C LYS B 161 -31.15 -21.61 -4.65
N ILE B 162 -31.07 -20.29 -4.62
CA ILE B 162 -31.76 -19.46 -3.62
C ILE B 162 -32.89 -18.61 -4.23
N HIS B 163 -34.12 -18.79 -3.76
CA HIS B 163 -35.24 -17.98 -4.29
C HIS B 163 -35.90 -17.16 -3.22
N SER B 164 -35.45 -17.36 -1.98
CA SER B 164 -36.02 -16.64 -0.84
C SER B 164 -35.06 -16.43 0.33
N GLN B 165 -35.45 -15.55 1.23
CA GLN B 165 -34.60 -15.33 2.40
C GLN B 165 -34.39 -16.63 3.17
N GLU B 166 -35.49 -17.34 3.41
CA GLU B 166 -35.42 -18.56 4.18
C GLU B 166 -34.50 -19.55 3.51
N GLU B 167 -34.52 -19.59 2.19
CA GLU B 167 -33.62 -20.51 1.47
C GLU B 167 -32.17 -19.98 1.52
N ALA B 168 -32.04 -18.66 1.63
CA ALA B 168 -30.70 -18.07 1.78
C ALA B 168 -30.13 -18.53 3.17
N LEU B 169 -30.95 -18.44 4.21
CA LEU B 169 -30.48 -18.89 5.53
C LEU B 169 -30.07 -20.39 5.57
N ARG B 170 -30.80 -21.24 4.84
CA ARG B 170 -30.47 -22.65 4.82
C ARG B 170 -29.12 -22.82 4.09
N VAL B 171 -28.93 -22.02 3.03
CA VAL B 171 -27.65 -22.06 2.30
C VAL B 171 -26.57 -21.59 3.26
N MET B 172 -26.80 -20.53 4.02
CA MET B 172 -25.79 -20.10 4.98
C MET B 172 -25.41 -21.23 5.95
N ASP B 173 -26.39 -22.03 6.39
CA ASP B 173 -26.03 -23.12 7.29
C ASP B 173 -25.15 -24.15 6.60
N MET B 174 -25.41 -24.43 5.32
CA MET B 174 -24.60 -25.43 4.61
C MET B 174 -23.19 -24.96 4.54
N LEU B 175 -23.08 -23.67 4.26
CA LEU B 175 -21.79 -23.01 4.18
C LEU B 175 -21.09 -23.11 5.54
N HIS B 176 -21.79 -22.73 6.62
CA HIS B 176 -21.17 -22.92 7.95
C HIS B 176 -20.67 -24.38 8.12
N SER B 177 -21.49 -25.38 7.73
CA SER B 177 -21.05 -26.79 7.90
C SER B 177 -19.81 -27.14 7.10
N MET B 178 -19.61 -26.44 5.99
CA MET B 178 -18.41 -26.64 5.15
C MET B 178 -17.17 -26.11 5.85
N GLY B 179 -17.38 -25.20 6.80
CA GLY B 179 -16.24 -24.67 7.56
C GLY B 179 -16.37 -23.27 8.15
N PRO B 180 -16.53 -22.25 7.29
CA PRO B 180 -16.63 -20.92 7.93
C PRO B 180 -17.64 -20.66 9.03
N ASP B 181 -17.12 -20.14 10.14
CA ASP B 181 -17.95 -19.74 11.25
C ASP B 181 -18.73 -18.44 11.00
N THR B 182 -18.27 -17.60 10.07
CA THR B 182 -19.01 -16.35 9.69
C THR B 182 -19.27 -16.35 8.18
N VAL B 183 -20.54 -16.20 7.83
CA VAL B 183 -20.95 -16.19 6.45
C VAL B 183 -21.74 -14.91 6.14
N VAL B 184 -21.34 -14.14 5.12
CA VAL B 184 -22.14 -12.94 4.73
C VAL B 184 -22.39 -13.08 3.25
N ILE B 185 -23.68 -13.11 2.92
CA ILE B 185 -24.11 -13.14 1.51
C ILE B 185 -24.26 -11.65 1.31
N THR B 186 -23.13 -11.11 0.82
CA THR B 186 -22.88 -9.67 0.57
C THR B 186 -23.85 -9.02 -0.38
N SER B 187 -24.65 -9.80 -1.06
CA SER B 187 -25.53 -9.18 -1.99
C SER B 187 -26.37 -10.27 -2.63
N SER B 188 -27.65 -9.99 -2.76
CA SER B 188 -28.57 -10.92 -3.36
C SER B 188 -29.74 -10.21 -4.04
N ASP B 189 -30.45 -10.99 -4.89
CA ASP B 189 -31.61 -10.60 -5.71
C ASP B 189 -32.96 -10.80 -5.00
N LEU B 190 -32.91 -10.77 -3.69
CA LEU B 190 -34.07 -10.99 -2.91
C LEU B 190 -34.92 -9.74 -2.70
N PRO B 191 -36.21 -9.95 -2.61
CA PRO B 191 -37.17 -8.86 -2.41
C PRO B 191 -36.96 -8.06 -1.11
N SER B 192 -37.17 -6.75 -1.21
CA SER B 192 -37.04 -5.85 -0.07
C SER B 192 -38.32 -5.10 0.22
N PRO B 193 -38.75 -5.07 1.49
CA PRO B 193 -39.98 -4.32 1.79
C PRO B 193 -39.79 -2.84 1.52
N GLN B 194 -38.56 -2.44 1.16
CA GLN B 194 -38.28 -1.04 0.91
C GLN B 194 -38.30 -0.67 -0.56
N GLY B 195 -38.65 -1.62 -1.40
CA GLY B 195 -38.69 -1.33 -2.80
C GLY B 195 -37.70 -2.12 -3.63
N SER B 196 -37.81 -1.98 -4.94
CA SER B 196 -36.89 -2.67 -5.85
C SER B 196 -35.50 -1.97 -5.90
N ASN B 197 -35.44 -0.77 -5.37
CA ASN B 197 -34.19 -0.04 -5.30
C ASN B 197 -33.21 -0.59 -4.25
N TYR B 198 -33.66 -1.55 -3.46
CA TYR B 198 -32.78 -2.11 -2.45
C TYR B 198 -32.32 -3.53 -2.68
N LEU B 199 -31.09 -3.79 -2.19
CA LEU B 199 -30.47 -5.12 -2.24
C LEU B 199 -30.37 -5.62 -0.77
N ILE B 200 -30.46 -6.93 -0.59
CA ILE B 200 -30.36 -7.56 0.71
C ILE B 200 -28.97 -8.07 1.08
N VAL B 201 -28.53 -7.80 2.32
CA VAL B 201 -27.28 -8.35 2.81
C VAL B 201 -27.69 -9.28 3.96
N LEU B 202 -27.19 -10.49 3.95
CA LEU B 202 -27.49 -11.41 5.01
C LEU B 202 -26.18 -11.82 5.66
N GLY B 203 -26.21 -11.82 6.99
CA GLY B 203 -25.07 -12.21 7.75
C GLY B 203 -25.43 -13.19 8.81
N SER B 204 -24.55 -14.17 8.95
CA SER B 204 -24.73 -15.17 9.98
C SER B 204 -23.38 -15.52 10.65
N GLN B 205 -23.34 -15.64 11.99
CA GLN B 205 -22.11 -16.00 12.73
C GLN B 205 -22.33 -16.99 13.89
N ARG B 206 -21.47 -18.01 13.92
CA ARG B 206 -21.50 -19.01 14.96
C ARG B 206 -20.28 -18.81 15.84
N ARG B 207 -20.52 -18.90 17.13
CA ARG B 207 -19.46 -18.72 18.09
C ARG B 207 -19.81 -19.41 19.41
N ARG B 208 -18.79 -19.64 20.20
CA ARG B 208 -18.97 -20.24 21.50
C ARG B 208 -18.93 -19.07 22.49
N ASN B 209 -19.94 -18.95 23.35
CA ASN B 209 -19.96 -17.83 24.29
C ASN B 209 -19.11 -18.11 25.53
N PRO B 210 -18.91 -17.12 26.42
CA PRO B 210 -18.11 -17.35 27.62
C PRO B 210 -18.51 -18.67 28.35
N ALA B 211 -19.82 -18.91 28.47
CA ALA B 211 -20.26 -20.15 29.14
C ALA B 211 -19.92 -21.46 28.39
N GLY B 212 -19.51 -21.36 27.12
CA GLY B 212 -19.18 -22.55 26.34
C GLY B 212 -20.32 -22.99 25.42
N SER B 213 -21.42 -22.24 25.40
CA SER B 213 -22.52 -22.62 24.53
C SER B 213 -22.25 -22.15 23.10
N VAL B 214 -22.53 -22.99 22.11
CA VAL B 214 -22.35 -22.57 20.74
C VAL B 214 -23.64 -21.87 20.26
N VAL B 215 -23.55 -20.57 19.93
CA VAL B 215 -24.70 -19.79 19.46
C VAL B 215 -24.52 -19.17 18.07
N MET B 216 -25.63 -18.66 17.52
CA MET B 216 -25.61 -18.10 16.19
C MET B 216 -26.36 -16.82 16.15
N GLU B 217 -25.68 -15.81 15.58
CA GLU B 217 -26.30 -14.51 15.43
C GLU B 217 -26.56 -14.33 13.91
N ARG B 218 -27.75 -13.88 13.55
CA ARG B 218 -28.10 -13.65 12.16
C ARG B 218 -28.67 -12.25 12.01
N ILE B 219 -28.28 -11.58 10.93
CA ILE B 219 -28.76 -10.24 10.61
C ILE B 219 -29.16 -10.10 9.12
N ARG B 220 -29.88 -9.04 8.84
CA ARG B 220 -30.29 -8.73 7.50
C ARG B 220 -30.17 -7.23 7.34
N MET B 221 -29.74 -6.76 6.16
CA MET B 221 -29.67 -5.33 5.90
C MET B 221 -30.33 -5.02 4.57
N ASP B 222 -31.13 -3.96 4.52
CA ASP B 222 -31.75 -3.57 3.25
C ASP B 222 -31.05 -2.28 2.81
N ILE B 223 -30.20 -2.45 1.80
CA ILE B 223 -29.31 -1.41 1.29
C ILE B 223 -29.67 -0.86 -0.07
N ARG B 224 -29.59 0.45 -0.26
CA ARG B 224 -29.93 0.99 -1.56
C ARG B 224 -28.91 0.69 -2.65
N LYS B 225 -29.43 0.30 -3.80
CA LYS B 225 -28.58 0.01 -4.95
C LYS B 225 -28.03 1.31 -5.54
N VAL B 226 -26.83 1.22 -6.08
CA VAL B 226 -26.32 2.41 -6.72
C VAL B 226 -26.39 2.11 -8.19
N ASP B 227 -26.95 3.02 -8.99
CA ASP B 227 -26.99 2.72 -10.41
C ASP B 227 -25.71 3.07 -11.16
N ALA B 228 -24.64 2.38 -10.78
CA ALA B 228 -23.36 2.56 -11.41
C ALA B 228 -22.52 1.34 -11.05
N VAL B 229 -21.47 1.15 -11.83
CA VAL B 229 -20.57 0.03 -11.63
C VAL B 229 -19.20 0.38 -11.03
N PHE B 230 -19.07 0.07 -9.76
CA PHE B 230 -17.85 0.35 -9.06
C PHE B 230 -16.98 -0.91 -8.93
N VAL B 231 -15.71 -0.81 -9.25
CA VAL B 231 -14.90 -2.00 -9.05
C VAL B 231 -14.20 -1.79 -7.71
N GLY B 232 -13.87 -2.90 -7.07
CA GLY B 232 -13.19 -2.83 -5.79
C GLY B 232 -14.04 -2.83 -4.56
N THR B 233 -15.36 -2.60 -4.66
CA THR B 233 -16.22 -2.55 -3.48
C THR B 233 -16.31 -3.86 -2.66
N GLY B 234 -16.22 -5.00 -3.35
CA GLY B 234 -16.25 -6.30 -2.72
C GLY B 234 -14.95 -6.57 -1.94
N ASP B 235 -13.84 -6.07 -2.46
CA ASP B 235 -12.52 -6.19 -1.84
C ASP B 235 -12.47 -5.30 -0.55
N LEU B 236 -12.99 -4.09 -0.65
CA LEU B 236 -13.01 -3.20 0.49
C LEU B 236 -13.94 -3.77 1.58
N PHE B 237 -15.09 -4.30 1.14
CA PHE B 237 -16.12 -4.80 2.08
C PHE B 237 -15.51 -5.96 2.92
N ALA B 238 -14.78 -6.85 2.27
CA ALA B 238 -14.14 -7.97 2.95
C ALA B 238 -13.02 -7.50 3.89
N ALA B 239 -12.23 -6.51 3.44
CA ALA B 239 -11.13 -5.93 4.24
C ALA B 239 -11.72 -5.34 5.51
N MET B 240 -12.82 -4.59 5.38
CA MET B 240 -13.46 -3.96 6.53
C MET B 240 -14.20 -4.91 7.41
N LEU B 241 -14.72 -5.99 6.81
CA LEU B 241 -15.45 -7.01 7.57
C LEU B 241 -14.44 -7.61 8.51
N LEU B 242 -13.24 -7.82 7.97
CA LEU B 242 -12.12 -8.35 8.72
C LEU B 242 -11.81 -7.40 9.90
N ALA B 243 -11.71 -6.10 9.59
CA ALA B 243 -11.38 -5.10 10.60
C ALA B 243 -12.42 -4.94 11.68
N TRP B 244 -13.70 -4.89 11.31
CA TRP B 244 -14.76 -4.65 12.30
C TRP B 244 -15.19 -5.87 13.09
N THR B 245 -14.93 -7.08 12.57
CA THR B 245 -15.22 -8.30 13.35
C THR B 245 -14.05 -8.47 14.30
N HIS B 246 -12.90 -7.92 13.96
CA HIS B 246 -11.75 -8.02 14.86
C HIS B 246 -12.03 -7.12 16.12
N LYS B 247 -12.59 -5.92 15.94
CA LYS B 247 -12.90 -5.01 17.05
C LYS B 247 -14.16 -5.42 17.82
N HIS B 248 -15.11 -6.05 17.12
CA HIS B 248 -16.39 -6.50 17.70
C HIS B 248 -16.57 -7.95 17.38
N PRO B 249 -15.71 -8.82 17.98
CA PRO B 249 -15.77 -10.26 17.75
C PRO B 249 -17.06 -10.99 18.01
N ASN B 250 -17.83 -10.54 18.99
CA ASN B 250 -19.07 -11.23 19.28
C ASN B 250 -20.25 -10.35 18.95
N ASN B 251 -20.10 -9.41 18.05
CA ASN B 251 -21.25 -8.61 17.70
C ASN B 251 -21.37 -8.43 16.19
N LEU B 252 -21.96 -9.42 15.51
CA LEU B 252 -22.10 -9.37 14.07
C LEU B 252 -22.91 -8.17 13.59
N LYS B 253 -23.93 -7.86 14.33
CA LYS B 253 -24.76 -6.72 13.93
C LYS B 253 -23.96 -5.43 13.76
N VAL B 254 -23.14 -5.10 14.76
CA VAL B 254 -22.31 -3.90 14.73
C VAL B 254 -21.17 -3.99 13.65
N ALA B 255 -20.45 -5.11 13.61
CA ALA B 255 -19.42 -5.31 12.62
C ALA B 255 -19.98 -5.04 11.21
N CYS B 256 -21.16 -5.61 10.91
CA CYS B 256 -21.82 -5.41 9.63
C CYS B 256 -22.32 -3.97 9.39
N GLU B 257 -22.89 -3.35 10.41
CA GLU B 257 -23.36 -1.95 10.25
C GLU B 257 -22.21 -0.97 9.97
N LYS B 258 -21.04 -1.27 10.53
CA LYS B 258 -19.86 -0.45 10.35
C LYS B 258 -19.22 -0.66 8.98
N THR B 259 -19.11 -1.92 8.54
CA THR B 259 -18.54 -2.24 7.25
C THR B 259 -19.45 -1.58 6.19
N VAL B 260 -20.75 -1.84 6.29
CA VAL B 260 -21.67 -1.31 5.31
C VAL B 260 -21.65 0.24 5.29
N SER B 261 -21.61 0.86 6.46
CA SER B 261 -21.55 2.30 6.58
C SER B 261 -20.26 2.84 5.95
N THR B 262 -19.14 2.17 6.18
CA THR B 262 -17.90 2.61 5.58
C THR B 262 -18.06 2.61 4.04
N LEU B 263 -18.66 1.56 3.46
CA LEU B 263 -18.87 1.48 2.03
C LEU B 263 -19.74 2.64 1.58
N HIS B 264 -20.79 2.89 2.33
CA HIS B 264 -21.66 3.99 1.96
C HIS B 264 -20.88 5.33 1.85
N HIS B 265 -20.14 5.69 2.90
CA HIS B 265 -19.37 6.93 2.88
C HIS B 265 -18.35 6.96 1.72
N VAL B 266 -17.66 5.87 1.44
CA VAL B 266 -16.75 5.91 0.34
C VAL B 266 -17.45 6.08 -1.00
N LEU B 267 -18.46 5.26 -1.24
CA LEU B 267 -19.18 5.32 -2.47
C LEU B 267 -19.83 6.64 -2.70
N GLN B 268 -20.42 7.20 -1.65
CA GLN B 268 -21.14 8.45 -1.74
C GLN B 268 -20.20 9.58 -2.16
N ARG B 269 -19.05 9.65 -1.51
CA ARG B 269 -18.02 10.64 -1.85
C ARG B 269 -17.55 10.40 -3.31
N THR B 270 -17.48 9.15 -3.72
CA THR B 270 -17.10 8.83 -5.09
C THR B 270 -18.19 9.28 -6.06
N ILE B 271 -19.45 9.23 -5.64
CA ILE B 271 -20.52 9.60 -6.53
C ILE B 271 -20.59 11.10 -6.73
N GLN B 272 -20.46 11.86 -5.66
CA GLN B 272 -20.51 13.28 -5.81
C GLN B 272 -19.38 13.74 -6.74
N CYS B 273 -18.16 13.24 -6.53
CA CYS B 273 -17.07 13.61 -7.42
C CYS B 273 -17.39 13.25 -8.86
N ALA B 274 -17.59 11.97 -9.14
CA ALA B 274 -17.90 11.48 -10.49
C ALA B 274 -18.93 12.35 -11.19
N LYS B 275 -19.94 12.80 -10.47
CA LYS B 275 -20.99 13.64 -11.05
C LYS B 275 -20.40 14.96 -11.49
N ALA B 276 -19.60 15.54 -10.60
CA ALA B 276 -18.98 16.83 -10.88
C ALA B 276 -17.90 16.80 -11.98
N GLN B 277 -17.72 15.68 -12.66
CA GLN B 277 -16.73 15.59 -13.73
C GLN B 277 -17.38 15.13 -15.02
N PRO B 284 -19.54 9.55 -16.68
CA PRO B 284 -18.28 9.32 -15.92
C PRO B 284 -17.71 7.97 -16.34
N SER B 285 -16.46 7.98 -16.83
CA SER B 285 -15.79 6.75 -17.28
C SER B 285 -15.37 5.93 -16.06
N PRO B 286 -14.84 4.72 -16.28
CA PRO B 286 -14.44 3.94 -15.11
C PRO B 286 -13.42 4.69 -14.21
N MET B 287 -12.63 5.59 -14.82
CA MET B 287 -11.64 6.36 -14.09
C MET B 287 -12.34 7.32 -13.14
N GLN B 288 -13.50 7.82 -13.58
CA GLN B 288 -14.29 8.75 -12.78
C GLN B 288 -14.96 8.03 -11.60
N LEU B 289 -15.16 6.72 -11.74
CA LEU B 289 -15.82 5.94 -10.68
C LEU B 289 -14.88 5.21 -9.71
N GLU B 290 -13.59 5.50 -9.80
CA GLU B 290 -12.62 4.86 -8.91
C GLU B 290 -12.94 5.26 -7.48
N LEU B 291 -12.89 4.31 -6.55
CA LEU B 291 -13.19 4.60 -5.16
C LEU B 291 -12.34 5.74 -4.62
N ARG B 292 -13.00 6.70 -3.98
CA ARG B 292 -12.27 7.81 -3.42
C ARG B 292 -11.71 7.35 -2.08
N MET B 293 -10.67 6.53 -2.16
CA MET B 293 -10.10 5.97 -0.98
C MET B 293 -9.35 6.89 0.01
N VAL B 294 -8.33 7.59 -0.51
CA VAL B 294 -7.49 8.41 0.36
C VAL B 294 -8.31 9.52 0.99
N GLN B 295 -9.29 10.06 0.27
CA GLN B 295 -10.14 11.07 0.81
C GLN B 295 -11.20 10.53 1.81
N SER B 296 -11.28 9.21 2.01
CA SER B 296 -12.30 8.69 2.90
C SER B 296 -11.69 8.25 4.21
N LYS B 297 -10.43 8.60 4.38
CA LYS B 297 -9.69 8.28 5.56
C LYS B 297 -10.48 8.45 6.89
N ARG B 298 -11.16 9.57 7.06
CA ARG B 298 -11.82 9.76 8.33
C ARG B 298 -12.94 8.79 8.52
N ASP B 299 -13.65 8.54 7.43
CA ASP B 299 -14.79 7.64 7.44
C ASP B 299 -14.39 6.20 7.72
N ILE B 300 -13.18 5.86 7.32
CA ILE B 300 -12.70 4.50 7.52
C ILE B 300 -12.35 4.40 8.98
N GLU B 301 -11.74 5.46 9.50
CA GLU B 301 -11.35 5.43 10.91
C GLU B 301 -12.53 5.27 11.90
N ASP B 302 -13.63 6.00 11.66
CA ASP B 302 -14.74 5.95 12.58
C ASP B 302 -15.97 6.40 11.80
N PRO B 303 -16.60 5.44 11.09
CA PRO B 303 -17.79 5.72 10.26
C PRO B 303 -19.08 5.96 11.07
N GLU B 304 -19.82 7.00 10.69
CA GLU B 304 -21.09 7.26 11.32
C GLU B 304 -22.01 6.11 10.80
N ILE B 305 -22.73 5.41 11.70
CA ILE B 305 -23.62 4.35 11.24
C ILE B 305 -24.76 4.98 10.49
N VAL B 306 -25.04 4.49 9.29
CA VAL B 306 -26.09 5.10 8.48
C VAL B 306 -27.09 4.08 8.10
N VAL B 307 -26.88 2.86 8.59
CA VAL B 307 -27.78 1.76 8.34
C VAL B 307 -27.92 0.96 9.59
N GLN B 308 -29.12 0.48 9.84
CA GLN B 308 -29.29 -0.35 11.01
C GLN B 308 -29.74 -1.68 10.51
N ALA B 309 -29.08 -2.72 11.00
CA ALA B 309 -29.41 -4.08 10.60
C ALA B 309 -30.58 -4.60 11.41
N THR B 310 -31.36 -5.44 10.79
CA THR B 310 -32.40 -6.08 11.52
C THR B 310 -31.92 -7.49 11.96
N VAL B 311 -32.34 -7.85 13.17
CA VAL B 311 -31.99 -9.07 13.83
C VAL B 311 -32.90 -10.17 13.37
N LEU B 312 -32.31 -11.24 12.87
CA LEU B 312 -33.09 -12.39 12.43
C LEU B 312 -32.86 -13.49 13.48
#